data_3WIF
#
_entry.id   3WIF
#
_cell.length_a   70.660
_cell.length_b   82.310
_cell.length_c   82.560
_cell.angle_alpha   90.00
_cell.angle_beta   90.00
_cell.angle_gamma   90.00
#
_symmetry.space_group_name_H-M   'P 21 21 21'
#
loop_
_entity.id
_entity.type
_entity.pdbx_description
1 polymer 'mAb Fab H fragment'
2 polymer 'mAb Fab L fragment'
3 non-polymer '(Z)-7-[(1R,2R,3R,5R)-5-chloranyl-3-oxidanyl-2-[(E,3S)-3-oxidanyloct-1-enyl]cyclopentyl]hept-5-enoic acid'
4 water water
#
loop_
_entity_poly.entity_id
_entity_poly.type
_entity_poly.pdbx_seq_one_letter_code
_entity_poly.pdbx_strand_id
1 'polypeptide(L)'
;KVQLQQSGAELVKPGASVKLSCKASGYTFTEYFIHWVKQRSGQGLEWIGWFYPGSGSLNYNGKFKDKATFTADKSSSTVY
LELSRLTSEDSAVYFCASHAYDKEPYWGQGTLVTVSAAKTTPPSVYPLAPGSAAQTNSMVTLGCLVKGYFPEPVTVTWNS
GSLSSGVHTFPAVLQSDLYTLSSSVTVPSSTWPSETVTCNVAHPASSTKVDKKIVPRD
;
A
2 'polypeptide(L)'
;DVLMTQTPLSLPVSLGDQASISCRSSQSIVHSNGNTYLEWYLQKPGQSPKLLIYKVSNRFSGVPDRFSGSGSGTDFTLKI
NRVEAEDLGIYYCLQGSHVPLTFGAGTTLELKRADAAPTVSIFPPSSEQLTSGGASVVCFLNNFYPKDINVKWKIDGSER
QNGVLNSWTDQDSKDSTYSMSSTLTLTKDEYERHNSYTCEATHKTSTSPIVKSFNRN
;
B
#
# COMPACT_ATOMS: atom_id res chain seq x y z
N LYS A 1 -2.87 30.48 -5.28
CA LYS A 1 -2.79 29.04 -5.47
C LYS A 1 -3.80 28.38 -4.54
N VAL A 2 -4.65 27.51 -5.08
CA VAL A 2 -5.54 26.71 -4.26
C VAL A 2 -4.71 25.72 -3.45
N GLN A 3 -4.87 25.72 -2.13
CA GLN A 3 -4.15 24.78 -1.27
C GLN A 3 -5.08 24.18 -0.23
N LEU A 4 -4.91 22.88 0.03
CA LEU A 4 -5.67 22.21 1.06
C LEU A 4 -4.71 21.57 2.04
N GLN A 5 -4.82 21.96 3.31
CA GLN A 5 -3.94 21.41 4.32
C GLN A 5 -4.70 20.43 5.19
N GLN A 6 -4.32 19.16 5.13
CA GLN A 6 -5.00 18.15 5.94
C GLN A 6 -4.27 17.91 7.25
N SER A 7 -5.01 17.53 8.27
CA SER A 7 -4.41 17.31 9.59
C SER A 7 -3.45 16.12 9.58
N GLY A 8 -2.63 16.01 10.62
CA GLY A 8 -1.61 14.98 10.68
C GLY A 8 -2.15 13.58 10.94
N ALA A 9 -1.28 12.58 10.78
CA ALA A 9 -1.63 11.19 11.02
C ALA A 9 -2.29 11.01 12.39
N GLU A 10 -3.31 10.15 12.43
CA GLU A 10 -4.06 9.90 13.65
C GLU A 10 -3.89 8.45 14.09
N LEU A 11 -3.61 8.27 15.38
CA LEU A 11 -3.66 6.95 15.99
C LEU A 11 -4.92 6.95 16.83
N VAL A 12 -5.84 6.05 16.49
CA VAL A 12 -7.17 6.05 17.10
C VAL A 12 -7.43 4.74 17.82
N LYS A 13 -7.91 4.83 19.05
CA LYS A 13 -8.30 3.64 19.80
C LYS A 13 -9.51 3.00 19.13
N PRO A 14 -9.56 1.66 19.13
CA PRO A 14 -10.73 0.97 18.56
C PRO A 14 -12.00 1.41 19.26
N GLY A 15 -13.08 1.58 18.49
CA GLY A 15 -14.36 1.97 19.03
C GLY A 15 -14.55 3.47 19.20
N ALA A 16 -13.44 4.20 19.28
CA ALA A 16 -13.49 5.65 19.48
C ALA A 16 -13.82 6.35 18.16
N SER A 17 -13.96 7.66 18.22
CA SER A 17 -14.18 8.45 17.02
C SER A 17 -12.98 9.35 16.75
N VAL A 18 -12.92 9.92 15.55
CA VAL A 18 -11.84 10.84 15.21
C VAL A 18 -12.38 11.89 14.26
N LYS A 19 -11.89 13.12 14.38
CA LYS A 19 -12.32 14.18 13.49
C LYS A 19 -11.14 14.71 12.69
N LEU A 20 -11.20 14.52 11.38
CA LEU A 20 -10.13 14.94 10.48
C LEU A 20 -10.45 16.32 9.94
N SER A 21 -9.42 17.12 9.68
CA SER A 21 -9.67 18.46 9.15
C SER A 21 -9.01 18.72 7.81
N CYS A 22 -9.64 19.59 7.03
N CYS A 22 -9.60 19.65 7.07
CA CYS A 22 -9.09 20.03 5.77
CA CYS A 22 -9.15 20.02 5.74
C CYS A 22 -9.23 21.54 5.74
C CYS A 22 -9.25 21.54 5.67
N LYS A 23 -8.10 22.23 5.79
CA LYS A 23 -8.10 23.70 5.83
C LYS A 23 -7.73 24.27 4.48
N ALA A 24 -8.61 25.10 3.94
CA ALA A 24 -8.49 25.58 2.57
C ALA A 24 -7.99 27.01 2.49
N SER A 25 -7.28 27.30 1.41
CA SER A 25 -6.80 28.65 1.14
C SER A 25 -6.68 28.87 -0.37
N GLY A 26 -6.69 30.13 -0.78
CA GLY A 26 -6.45 30.46 -2.17
C GLY A 26 -7.71 30.61 -3.01
N TYR A 27 -8.86 30.57 -2.35
CA TYR A 27 -10.15 30.75 -3.03
C TYR A 27 -11.23 31.15 -2.03
N THR A 28 -12.38 31.57 -2.53
CA THR A 28 -13.51 31.93 -1.68
C THR A 28 -14.12 30.66 -1.09
N PHE A 29 -13.90 30.46 0.21
CA PHE A 29 -14.20 29.19 0.88
C PHE A 29 -15.62 28.70 0.67
N THR A 30 -16.57 29.61 0.73
CA THR A 30 -17.98 29.25 0.65
C THR A 30 -18.45 28.88 -0.75
N GLU A 31 -17.57 28.96 -1.74
CA GLU A 31 -18.01 28.72 -3.12
C GLU A 31 -17.43 27.47 -3.77
N TYR A 32 -16.69 26.68 -3.00
CA TYR A 32 -16.18 25.40 -3.53
C TYR A 32 -16.77 24.24 -2.76
N PHE A 33 -16.97 23.13 -3.46
CA PHE A 33 -17.32 21.86 -2.84
C PHE A 33 -16.11 21.19 -2.25
N ILE A 34 -16.31 20.48 -1.15
CA ILE A 34 -15.26 19.61 -0.61
C ILE A 34 -15.76 18.16 -0.68
N HIS A 35 -14.93 17.27 -1.21
CA HIS A 35 -15.26 15.85 -1.22
C HIS A 35 -14.28 15.12 -0.33
N TRP A 36 -14.70 14.00 0.22
CA TRP A 36 -13.78 13.13 0.96
C TRP A 36 -13.67 11.77 0.29
N VAL A 37 -12.47 11.22 0.27
CA VAL A 37 -12.19 9.96 -0.43
C VAL A 37 -11.37 9.06 0.50
N LYS A 38 -11.72 7.78 0.54
CA LYS A 38 -11.02 6.81 1.38
C LYS A 38 -10.16 5.86 0.55
N GLN A 39 -8.98 5.55 1.06
CA GLN A 39 -8.14 4.53 0.42
C GLN A 39 -7.50 3.61 1.44
N ARG A 40 -7.97 2.38 1.51
CA ARG A 40 -7.33 1.40 2.37
C ARG A 40 -6.00 0.97 1.76
N SER A 41 -5.09 0.49 2.61
CA SER A 41 -3.75 0.12 2.18
C SER A 41 -3.78 -0.88 1.04
N GLY A 42 -3.14 -0.52 -0.07
CA GLY A 42 -3.03 -1.40 -1.22
C GLY A 42 -4.32 -1.57 -2.02
N GLN A 43 -5.32 -0.76 -1.69
CA GLN A 43 -6.61 -0.86 -2.36
C GLN A 43 -6.92 0.41 -3.15
N GLY A 44 -8.11 0.46 -3.73
CA GLY A 44 -8.47 1.58 -4.58
C GLY A 44 -9.12 2.74 -3.84
N LEU A 45 -9.62 3.69 -4.61
CA LEU A 45 -10.25 4.89 -4.08
C LEU A 45 -11.76 4.73 -3.93
N GLU A 46 -12.30 5.15 -2.79
N GLU A 46 -12.31 5.21 -2.81
CA GLU A 46 -13.73 5.11 -2.52
CA GLU A 46 -13.74 5.10 -2.54
C GLU A 46 -14.21 6.52 -2.21
C GLU A 46 -14.29 6.47 -2.12
N TRP A 47 -15.30 6.93 -2.84
CA TRP A 47 -15.88 8.25 -2.56
C TRP A 47 -16.80 8.21 -1.33
N ILE A 48 -16.59 9.13 -0.40
CA ILE A 48 -17.37 9.18 0.84
C ILE A 48 -18.59 10.10 0.70
N GLY A 49 -18.37 11.29 0.14
CA GLY A 49 -19.47 12.23 -0.02
C GLY A 49 -18.99 13.62 -0.39
N TRP A 50 -19.92 14.54 -0.63
CA TRP A 50 -19.56 15.94 -0.89
C TRP A 50 -20.23 16.86 0.13
N PHE A 51 -19.63 18.03 0.35
CA PHE A 51 -20.14 19.01 1.29
C PHE A 51 -19.91 20.40 0.70
N TYR A 52 -20.90 21.27 0.78
CA TYR A 52 -20.74 22.63 0.26
C TYR A 52 -20.88 23.62 1.42
N PRO A 53 -19.74 24.08 1.98
CA PRO A 53 -19.73 24.97 3.14
C PRO A 53 -20.60 26.22 2.98
N GLY A 54 -20.76 26.68 1.75
CA GLY A 54 -21.51 27.90 1.49
C GLY A 54 -23.00 27.78 1.73
N SER A 55 -23.50 26.56 1.87
CA SER A 55 -24.91 26.36 2.16
C SER A 55 -25.14 25.31 3.23
N GLY A 56 -24.12 24.52 3.53
CA GLY A 56 -24.28 23.40 4.44
C GLY A 56 -24.84 22.15 3.77
N SER A 57 -25.11 22.24 2.48
CA SER A 57 -25.62 21.10 1.71
C SER A 57 -24.61 19.97 1.67
N LEU A 58 -25.10 18.74 1.69
CA LEU A 58 -24.19 17.60 1.62
C LEU A 58 -24.85 16.38 1.01
N ASN A 59 -24.03 15.39 0.71
CA ASN A 59 -24.53 14.10 0.27
C ASN A 59 -23.51 13.04 0.66
N TYR A 60 -23.99 11.94 1.23
CA TYR A 60 -23.13 10.81 1.56
C TYR A 60 -23.37 9.63 0.65
N ASN A 61 -22.27 8.97 0.26
CA ASN A 61 -22.34 7.62 -0.26
C ASN A 61 -23.05 6.78 0.80
N GLY A 62 -24.09 6.06 0.42
CA GLY A 62 -24.86 5.25 1.36
C GLY A 62 -24.01 4.26 2.14
N LYS A 63 -22.89 3.85 1.56
CA LYS A 63 -21.98 2.94 2.24
C LYS A 63 -21.37 3.56 3.50
N PHE A 64 -21.41 4.89 3.58
CA PHE A 64 -20.79 5.63 4.67
C PHE A 64 -21.76 6.40 5.57
N LYS A 65 -23.05 6.22 5.37
CA LYS A 65 -24.00 7.09 6.05
C LYS A 65 -23.96 6.91 7.57
N ASP A 66 -23.59 5.72 8.02
CA ASP A 66 -23.55 5.47 9.46
C ASP A 66 -22.15 5.64 10.04
N LYS A 67 -21.23 6.18 9.26
CA LYS A 67 -19.83 6.21 9.63
C LYS A 67 -19.23 7.62 9.54
N ALA A 68 -19.71 8.40 8.57
CA ALA A 68 -19.09 9.70 8.28
C ALA A 68 -20.05 10.86 8.54
N THR A 69 -19.51 11.94 9.10
CA THR A 69 -20.26 13.17 9.28
C THR A 69 -19.42 14.36 8.81
N PHE A 70 -19.96 15.17 7.91
CA PHE A 70 -19.27 16.37 7.45
C PHE A 70 -19.76 17.60 8.22
N THR A 71 -18.83 18.46 8.62
CA THR A 71 -19.17 19.75 9.20
C THR A 71 -18.15 20.79 8.75
N ALA A 72 -18.39 22.06 9.07
CA ALA A 72 -17.45 23.10 8.69
C ALA A 72 -17.34 24.19 9.73
N ASP A 73 -16.20 24.87 9.69
CA ASP A 73 -16.01 26.09 10.45
C ASP A 73 -15.62 27.18 9.45
N LYS A 74 -16.59 27.98 9.04
CA LYS A 74 -16.32 29.04 8.07
C LYS A 74 -15.33 30.06 8.60
N SER A 75 -15.24 30.19 9.92
CA SER A 75 -14.36 31.20 10.51
C SER A 75 -12.88 30.82 10.40
N SER A 76 -12.60 29.61 9.92
CA SER A 76 -11.22 29.17 9.73
C SER A 76 -11.03 28.44 8.40
N SER A 77 -12.03 28.53 7.53
CA SER A 77 -11.99 27.90 6.21
C SER A 77 -11.65 26.41 6.30
N THR A 78 -12.25 25.75 7.29
CA THR A 78 -11.97 24.34 7.54
C THR A 78 -13.23 23.50 7.41
N VAL A 79 -13.10 22.36 6.74
CA VAL A 79 -14.17 21.37 6.74
C VAL A 79 -13.65 20.15 7.51
N TYR A 80 -14.57 19.46 8.18
CA TYR A 80 -14.22 18.30 8.98
C TYR A 80 -14.93 17.04 8.51
N LEU A 81 -14.22 15.92 8.62
CA LEU A 81 -14.83 14.60 8.46
C LEU A 81 -14.69 13.89 9.79
N GLU A 82 -15.82 13.59 10.44
CA GLU A 82 -15.77 12.82 11.67
C GLU A 82 -16.15 11.39 11.34
N LEU A 83 -15.30 10.45 11.79
CA LEU A 83 -15.54 9.03 11.59
C LEU A 83 -15.90 8.44 12.95
N SER A 84 -17.03 7.74 13.02
N SER A 84 -17.03 7.75 13.02
CA SER A 84 -17.54 7.24 14.29
CA SER A 84 -17.55 7.24 14.29
C SER A 84 -17.21 5.76 14.51
C SER A 84 -17.22 5.76 14.51
N ARG A 85 -17.00 5.39 15.78
CA ARG A 85 -16.83 3.99 16.18
C ARG A 85 -15.89 3.16 15.30
N LEU A 86 -14.60 3.51 15.33
CA LEU A 86 -13.68 2.99 14.34
C LEU A 86 -13.42 1.51 14.51
N THR A 87 -13.31 0.83 13.37
CA THR A 87 -12.93 -0.57 13.32
C THR A 87 -11.68 -0.70 12.47
N SER A 88 -11.16 -1.91 12.34
CA SER A 88 -9.99 -2.14 11.48
C SER A 88 -10.27 -1.70 10.05
N GLU A 89 -11.51 -1.85 9.61
CA GLU A 89 -11.87 -1.46 8.25
C GLU A 89 -11.79 0.05 8.02
N ASP A 90 -11.76 0.83 9.11
CA ASP A 90 -11.66 2.28 8.98
C ASP A 90 -10.22 2.78 8.86
N SER A 91 -9.25 1.91 9.16
CA SER A 91 -7.85 2.23 8.94
C SER A 91 -7.61 2.44 7.44
N ALA A 92 -7.10 3.62 7.10
CA ALA A 92 -7.02 4.05 5.71
C ALA A 92 -6.42 5.44 5.62
N VAL A 93 -6.09 5.86 4.41
CA VAL A 93 -5.79 7.27 4.17
C VAL A 93 -7.08 7.94 3.71
N TYR A 94 -7.33 9.15 4.22
CA TYR A 94 -8.51 9.91 3.85
C TYR A 94 -8.06 11.18 3.15
N PHE A 95 -8.52 11.37 1.92
CA PHE A 95 -8.17 12.56 1.15
C PHE A 95 -9.33 13.52 1.09
N CYS A 96 -9.04 14.81 1.13
N CYS A 96 -8.99 14.80 1.03
CA CYS A 96 -10.08 15.79 0.80
CA CYS A 96 -9.93 15.87 0.83
C CYS A 96 -9.75 16.41 -0.55
C CYS A 96 -9.70 16.46 -0.57
N ALA A 97 -10.78 16.85 -1.26
CA ALA A 97 -10.62 17.46 -2.58
C ALA A 97 -11.60 18.61 -2.68
N SER A 98 -11.18 19.65 -3.38
CA SER A 98 -11.98 20.87 -3.47
C SER A 98 -12.14 21.31 -4.92
N HIS A 99 -13.32 21.79 -5.29
CA HIS A 99 -13.50 22.32 -6.64
C HIS A 99 -14.69 23.28 -6.68
N ALA A 100 -14.62 24.25 -7.59
CA ALA A 100 -15.78 25.06 -7.91
C ALA A 100 -16.65 24.27 -8.87
N TYR A 101 -17.94 24.62 -8.93
CA TYR A 101 -18.86 23.94 -9.83
C TYR A 101 -18.35 24.00 -11.28
N ASP A 102 -18.29 22.85 -11.92
CA ASP A 102 -17.85 22.74 -13.32
C ASP A 102 -16.36 23.08 -13.52
N LYS A 103 -15.58 23.04 -12.44
CA LYS A 103 -14.14 23.29 -12.52
C LYS A 103 -13.36 22.11 -11.96
N GLU A 104 -12.10 21.98 -12.35
CA GLU A 104 -11.28 20.83 -11.97
C GLU A 104 -10.92 20.84 -10.48
N PRO A 105 -10.85 19.64 -9.87
CA PRO A 105 -10.59 19.53 -8.42
C PRO A 105 -9.12 19.58 -8.00
N TYR A 106 -8.89 20.05 -6.79
CA TYR A 106 -7.58 20.08 -6.17
C TYR A 106 -7.61 19.14 -4.99
N TRP A 107 -6.59 18.32 -4.84
CA TRP A 107 -6.58 17.30 -3.79
C TRP A 107 -5.61 17.62 -2.68
N GLY A 108 -5.98 17.27 -1.45
CA GLY A 108 -5.08 17.36 -0.32
C GLY A 108 -4.11 16.19 -0.31
N GLN A 109 -3.18 16.20 0.64
CA GLN A 109 -2.13 15.18 0.69
C GLN A 109 -2.56 13.91 1.40
N GLY A 110 -3.71 13.97 2.07
CA GLY A 110 -4.27 12.81 2.75
C GLY A 110 -3.89 12.75 4.22
N THR A 111 -4.76 12.13 5.01
CA THR A 111 -4.50 11.89 6.43
C THR A 111 -4.59 10.40 6.72
N LEU A 112 -3.51 9.85 7.27
CA LEU A 112 -3.49 8.43 7.64
C LEU A 112 -4.22 8.24 8.97
N VAL A 113 -5.13 7.27 8.99
CA VAL A 113 -5.81 6.90 10.23
C VAL A 113 -5.47 5.46 10.53
N THR A 114 -4.88 5.22 11.69
CA THR A 114 -4.53 3.86 12.12
C THR A 114 -5.27 3.50 13.39
N VAL A 115 -6.00 2.39 13.37
CA VAL A 115 -6.77 1.95 14.54
C VAL A 115 -6.02 0.86 15.32
N SER A 116 -5.73 1.14 16.59
CA SER A 116 -5.04 0.20 17.45
C SER A 116 -5.15 0.66 18.90
N ALA A 117 -5.19 -0.30 19.82
CA ALA A 117 -5.23 0.02 21.24
C ALA A 117 -3.84 0.04 21.87
N ALA A 118 -2.82 -0.25 21.06
CA ALA A 118 -1.47 -0.40 21.59
C ALA A 118 -0.87 0.93 22.07
N LYS A 119 0.02 0.83 23.06
CA LYS A 119 0.81 1.98 23.44
C LYS A 119 2.14 1.91 22.70
N THR A 120 2.90 2.99 22.77
CA THR A 120 4.21 3.02 22.13
C THR A 120 5.06 1.83 22.61
N THR A 121 5.55 1.03 21.67
CA THR A 121 6.27 -0.19 22.00
C THR A 121 7.45 -0.38 21.04
N PRO A 122 8.67 -0.53 21.60
CA PRO A 122 9.83 -0.78 20.73
C PRO A 122 9.81 -2.20 20.17
N PRO A 123 10.43 -2.41 19.00
CA PRO A 123 10.42 -3.75 18.39
C PRO A 123 11.36 -4.72 19.08
N SER A 124 10.97 -6.01 19.05
CA SER A 124 11.90 -7.09 19.32
C SER A 124 12.52 -7.45 17.98
N VAL A 125 13.85 -7.57 17.95
CA VAL A 125 14.54 -7.84 16.69
C VAL A 125 15.25 -9.18 16.75
N TYR A 126 14.87 -10.08 15.85
CA TYR A 126 15.41 -11.45 15.83
C TYR A 126 16.20 -11.74 14.56
N PRO A 127 17.35 -12.41 14.70
CA PRO A 127 18.18 -12.73 13.54
C PRO A 127 17.59 -13.88 12.73
N LEU A 128 17.70 -13.79 11.41
CA LEU A 128 17.29 -14.89 10.54
C LEU A 128 18.53 -15.46 9.86
N ALA A 129 19.03 -16.56 10.40
CA ALA A 129 20.19 -17.23 9.85
C ALA A 129 19.75 -18.54 9.23
N PRO A 130 20.39 -18.94 8.13
CA PRO A 130 19.96 -20.14 7.40
C PRO A 130 20.17 -21.42 8.19
N GLY A 131 19.43 -22.47 7.85
CA GLY A 131 19.51 -23.75 8.54
C GLY A 131 20.87 -24.41 8.42
N SER A 138 26.19 -19.70 -4.55
CA SER A 138 27.25 -18.69 -4.46
C SER A 138 26.78 -17.47 -3.67
N MET A 139 25.47 -17.36 -3.47
CA MET A 139 24.90 -16.27 -2.69
C MET A 139 24.24 -16.82 -1.45
N VAL A 140 24.16 -16.00 -0.40
CA VAL A 140 23.44 -16.40 0.79
C VAL A 140 22.46 -15.30 1.21
N THR A 141 21.26 -15.69 1.62
CA THR A 141 20.25 -14.75 2.07
C THR A 141 20.09 -14.82 3.59
N LEU A 142 20.17 -13.65 4.22
CA LEU A 142 20.00 -13.53 5.67
C LEU A 142 18.83 -12.63 5.92
N GLY A 143 18.38 -12.58 7.16
CA GLY A 143 17.26 -11.72 7.46
C GLY A 143 17.18 -11.20 8.88
N CYS A 144 16.28 -10.26 9.08
N CYS A 144 16.18 -10.37 9.09
CA CYS A 144 15.93 -9.84 10.43
CA CYS A 144 15.92 -9.68 10.34
C CYS A 144 14.44 -9.72 10.52
C CYS A 144 14.41 -9.64 10.53
N LEU A 145 13.90 -10.22 11.62
CA LEU A 145 12.47 -10.17 11.91
C LEU A 145 12.24 -9.10 12.98
N VAL A 146 11.40 -8.13 12.64
CA VAL A 146 11.21 -6.96 13.49
C VAL A 146 9.76 -6.99 13.99
N LYS A 147 9.58 -7.41 15.23
CA LYS A 147 8.27 -7.85 15.68
C LYS A 147 7.74 -7.11 16.91
N GLY A 148 6.44 -6.84 16.89
CA GLY A 148 5.73 -6.35 18.07
C GLY A 148 5.93 -4.89 18.44
N TYR A 149 6.07 -4.02 17.44
CA TYR A 149 6.28 -2.60 17.72
C TYR A 149 5.06 -1.74 17.39
N PHE A 150 5.04 -0.53 17.93
CA PHE A 150 3.99 0.44 17.63
C PHE A 150 4.47 1.82 18.03
N PRO A 151 4.19 2.83 17.22
CA PRO A 151 3.55 2.78 15.90
C PRO A 151 4.60 2.69 14.80
N GLU A 152 4.14 2.79 13.56
CA GLU A 152 5.04 2.97 12.43
C GLU A 152 5.62 4.37 12.52
N PRO A 153 6.83 4.58 11.96
CA PRO A 153 7.66 3.62 11.24
C PRO A 153 8.85 3.10 12.03
N VAL A 154 9.55 2.13 11.44
CA VAL A 154 10.91 1.80 11.86
C VAL A 154 11.82 2.06 10.68
N THR A 155 13.11 2.22 10.94
CA THR A 155 14.09 2.32 9.86
C THR A 155 15.06 1.16 10.00
N VAL A 156 15.09 0.30 8.98
CA VAL A 156 15.99 -0.84 8.98
C VAL A 156 17.17 -0.61 8.04
N THR A 157 18.37 -0.84 8.55
CA THR A 157 19.55 -0.80 7.72
C THR A 157 20.38 -2.05 7.96
N TRP A 158 21.33 -2.30 7.07
CA TRP A 158 22.27 -3.39 7.23
C TRP A 158 23.68 -2.83 7.25
N ASN A 159 24.48 -3.28 8.22
CA ASN A 159 25.83 -2.76 8.43
C ASN A 159 25.87 -1.24 8.45
N SER A 160 24.95 -0.66 9.22
CA SER A 160 24.87 0.80 9.39
C SER A 160 24.71 1.53 8.07
N GLY A 161 24.13 0.85 7.08
CA GLY A 161 23.83 1.48 5.81
C GLY A 161 24.83 1.18 4.70
N SER A 162 25.98 0.64 5.07
CA SER A 162 27.02 0.37 4.08
C SER A 162 26.64 -0.80 3.18
N LEU A 163 25.69 -1.60 3.64
CA LEU A 163 25.17 -2.70 2.84
C LEU A 163 23.75 -2.37 2.39
N SER A 164 23.60 -1.92 1.15
CA SER A 164 22.30 -1.44 0.70
C SER A 164 21.76 -2.22 -0.50
N SER A 165 22.65 -2.77 -1.31
CA SER A 165 22.21 -3.52 -2.47
C SER A 165 21.81 -4.93 -2.03
N GLY A 166 20.82 -5.51 -2.69
CA GLY A 166 20.37 -6.84 -2.33
C GLY A 166 19.53 -6.87 -1.07
N VAL A 167 19.03 -5.71 -0.65
CA VAL A 167 18.19 -5.62 0.53
C VAL A 167 16.71 -5.49 0.16
N HIS A 168 15.87 -6.29 0.80
CA HIS A 168 14.42 -6.09 0.71
C HIS A 168 13.82 -5.91 2.09
N THR A 169 13.33 -4.72 2.38
CA THR A 169 12.60 -4.50 3.63
C THR A 169 11.11 -4.43 3.31
N PHE A 170 10.37 -5.39 3.85
CA PHE A 170 8.97 -5.57 3.49
C PHE A 170 8.06 -4.67 4.30
N PRO A 171 6.93 -4.26 3.70
CA PRO A 171 5.93 -3.46 4.44
C PRO A 171 5.46 -4.16 5.70
N ALA A 172 5.30 -3.39 6.77
CA ALA A 172 4.85 -3.96 8.03
C ALA A 172 3.38 -4.34 7.95
N VAL A 173 2.99 -5.29 8.78
CA VAL A 173 1.62 -5.73 8.89
C VAL A 173 1.19 -5.64 10.35
N LEU A 174 -0.05 -5.20 10.57
CA LEU A 174 -0.58 -5.10 11.92
C LEU A 174 -1.26 -6.41 12.33
N GLN A 175 -0.75 -7.03 13.39
CA GLN A 175 -1.37 -8.23 13.95
C GLN A 175 -1.46 -8.09 15.46
N SER A 176 -2.64 -8.32 16.01
CA SER A 176 -2.89 -8.14 17.44
C SER A 176 -2.41 -6.77 17.90
N ASP A 177 -2.74 -5.75 17.10
CA ASP A 177 -2.51 -4.34 17.40
C ASP A 177 -1.07 -3.87 17.33
N LEU A 178 -0.16 -4.76 16.96
CA LEU A 178 1.25 -4.39 16.86
C LEU A 178 1.77 -4.72 15.47
N TYR A 179 2.84 -4.04 15.07
CA TYR A 179 3.41 -4.25 13.74
C TYR A 179 4.52 -5.29 13.73
N THR A 180 4.59 -6.03 12.63
CA THR A 180 5.70 -6.95 12.38
C THR A 180 6.16 -6.72 10.96
N LEU A 181 7.48 -6.70 10.77
CA LEU A 181 8.04 -6.74 9.42
C LEU A 181 9.31 -7.56 9.38
N SER A 182 9.73 -7.93 8.18
CA SER A 182 11.01 -8.61 8.02
C SER A 182 11.82 -7.86 6.99
N SER A 183 13.14 -8.03 7.05
CA SER A 183 14.02 -7.50 6.04
C SER A 183 14.98 -8.60 5.64
N SER A 184 15.22 -8.75 4.35
CA SER A 184 16.20 -9.71 3.85
C SER A 184 17.39 -9.01 3.22
N VAL A 185 18.55 -9.63 3.30
CA VAL A 185 19.71 -9.16 2.57
C VAL A 185 20.40 -10.35 1.93
N THR A 186 20.86 -10.18 0.69
CA THR A 186 21.55 -11.25 -0.01
C THR A 186 22.98 -10.82 -0.33
N VAL A 187 23.94 -11.64 0.07
CA VAL A 187 25.35 -11.33 -0.10
C VAL A 187 26.10 -12.54 -0.64
N PRO A 188 27.28 -12.32 -1.24
CA PRO A 188 28.09 -13.46 -1.68
C PRO A 188 28.42 -14.37 -0.50
N SER A 189 28.42 -15.67 -0.74
CA SER A 189 28.76 -16.62 0.30
C SER A 189 30.19 -16.41 0.79
N SER A 190 30.99 -15.74 -0.04
CA SER A 190 32.38 -15.46 0.34
C SER A 190 32.47 -14.31 1.35
N THR A 191 31.34 -13.67 1.63
CA THR A 191 31.30 -12.56 2.58
C THR A 191 30.70 -12.94 3.94
N TRP A 192 29.79 -13.91 3.95
CA TRP A 192 29.19 -14.35 5.21
C TRP A 192 29.22 -15.88 5.26
N PRO A 193 29.56 -16.45 6.43
CA PRO A 193 29.79 -15.81 7.73
C PRO A 193 31.20 -15.28 8.00
N SER A 194 32.06 -15.22 6.99
CA SER A 194 33.44 -14.78 7.21
C SER A 194 33.52 -13.30 7.61
N GLU A 195 32.53 -12.51 7.19
CA GLU A 195 32.46 -11.11 7.59
C GLU A 195 31.17 -10.85 8.34
N THR A 196 31.15 -9.74 9.08
CA THR A 196 30.03 -9.41 9.92
C THR A 196 28.87 -8.81 9.11
N VAL A 197 27.68 -9.36 9.32
CA VAL A 197 26.46 -8.79 8.77
C VAL A 197 25.49 -8.52 9.92
N THR A 198 25.11 -7.26 10.07
CA THR A 198 24.33 -6.81 11.22
C THR A 198 23.15 -5.98 10.74
N CYS A 199 21.95 -6.30 11.24
N CYS A 199 21.99 -6.28 11.32
CA CYS A 199 20.83 -5.44 10.95
CA CYS A 199 20.76 -5.55 11.09
C CYS A 199 20.67 -4.44 12.08
C CYS A 199 20.63 -4.44 12.12
N ASN A 200 20.33 -3.21 11.70
CA ASN A 200 20.13 -2.13 12.63
C ASN A 200 18.69 -1.66 12.51
N VAL A 201 18.01 -1.51 13.64
CA VAL A 201 16.60 -1.11 13.59
C VAL A 201 16.33 0.06 14.51
N ALA A 202 15.97 1.19 13.91
CA ALA A 202 15.65 2.39 14.67
C ALA A 202 14.13 2.56 14.74
N HIS A 203 13.63 2.96 15.90
CA HIS A 203 12.20 3.19 16.08
C HIS A 203 12.02 4.57 16.71
N PRO A 204 11.72 5.57 15.89
CA PRO A 204 11.67 6.95 16.39
C PRO A 204 10.71 7.14 17.57
N ALA A 205 9.53 6.53 17.53
CA ALA A 205 8.55 6.77 18.58
C ALA A 205 9.03 6.37 19.98
N SER A 206 9.85 5.32 20.04
CA SER A 206 10.39 4.87 21.32
C SER A 206 11.81 5.38 21.56
N SER A 207 12.32 6.14 20.60
CA SER A 207 13.68 6.68 20.64
C SER A 207 14.72 5.60 20.89
N THR A 208 14.53 4.46 20.22
CA THR A 208 15.46 3.33 20.36
C THR A 208 16.12 2.97 19.03
N LYS A 209 17.30 2.37 19.12
CA LYS A 209 17.95 1.78 17.96
C LYS A 209 18.74 0.57 18.44
N VAL A 210 18.47 -0.58 17.85
CA VAL A 210 19.15 -1.80 18.29
C VAL A 210 19.82 -2.50 17.12
N ASP A 211 20.89 -3.23 17.42
CA ASP A 211 21.60 -3.99 16.40
C ASP A 211 21.44 -5.49 16.66
N LYS A 212 21.47 -6.26 15.59
CA LYS A 212 21.45 -7.71 15.71
C LYS A 212 22.42 -8.31 14.69
N LYS A 213 23.52 -8.87 15.17
CA LYS A 213 24.48 -9.52 14.29
C LYS A 213 23.93 -10.88 13.89
N ILE A 214 24.04 -11.21 12.61
CA ILE A 214 23.57 -12.49 12.13
C ILE A 214 24.70 -13.52 12.25
N VAL A 215 24.51 -14.52 13.10
CA VAL A 215 25.51 -15.56 13.30
C VAL A 215 24.97 -16.93 12.89
N PRO A 216 25.84 -17.81 12.37
CA PRO A 216 25.40 -19.15 11.94
C PRO A 216 24.73 -19.94 13.07
N ARG A 217 23.80 -20.81 12.70
CA ARG A 217 23.02 -21.57 13.69
C ARG A 217 23.84 -22.72 14.29
N ASP B 1 -25.61 2.25 -8.49
CA ASP B 1 -24.49 3.15 -8.73
C ASP B 1 -23.87 2.89 -10.09
N VAL B 2 -23.20 3.90 -10.64
CA VAL B 2 -22.49 3.73 -11.90
C VAL B 2 -21.22 2.90 -11.67
N LEU B 3 -21.12 1.78 -12.38
CA LEU B 3 -19.93 0.93 -12.30
C LEU B 3 -18.89 1.36 -13.32
N MET B 4 -17.67 1.61 -12.86
CA MET B 4 -16.58 1.98 -13.75
C MET B 4 -15.65 0.80 -13.92
N THR B 5 -15.54 0.28 -15.13
CA THR B 5 -14.71 -0.88 -15.42
C THR B 5 -13.46 -0.50 -16.20
N GLN B 6 -12.30 -0.64 -15.56
CA GLN B 6 -11.03 -0.35 -16.19
C GLN B 6 -10.33 -1.59 -16.68
N THR B 7 -9.77 -1.50 -17.88
CA THR B 7 -8.96 -2.58 -18.43
C THR B 7 -7.73 -1.99 -19.12
N PRO B 8 -6.60 -2.71 -19.08
CA PRO B 8 -6.40 -3.97 -18.35
C PRO B 8 -6.15 -3.69 -16.87
N LEU B 9 -6.15 -4.73 -16.05
CA LEU B 9 -5.83 -4.58 -14.63
C LEU B 9 -4.37 -4.17 -14.48
N SER B 10 -3.49 -4.78 -15.26
CA SER B 10 -2.10 -4.35 -15.30
C SER B 10 -1.53 -4.37 -16.71
N LEU B 11 -0.65 -3.42 -16.97
CA LEU B 11 -0.05 -3.26 -18.28
C LEU B 11 1.45 -3.13 -18.15
N PRO B 12 2.18 -4.18 -18.55
CA PRO B 12 3.65 -4.11 -18.60
C PRO B 12 4.05 -3.26 -19.79
N VAL B 13 4.93 -2.29 -19.58
CA VAL B 13 5.41 -1.45 -20.66
C VAL B 13 6.92 -1.28 -20.61
N SER B 14 7.53 -0.97 -21.74
CA SER B 14 8.92 -0.56 -21.76
C SER B 14 8.94 0.94 -21.96
N LEU B 15 10.00 1.59 -21.49
CA LEU B 15 10.14 3.03 -21.68
C LEU B 15 10.13 3.34 -23.18
N GLY B 16 9.39 4.38 -23.56
CA GLY B 16 9.24 4.72 -24.96
C GLY B 16 8.03 4.09 -25.64
N ASP B 17 7.38 3.13 -24.98
CA ASP B 17 6.20 2.46 -25.53
C ASP B 17 5.00 3.39 -25.66
N GLN B 18 4.08 3.03 -26.55
CA GLN B 18 2.74 3.60 -26.53
C GLN B 18 1.95 2.82 -25.51
N ALA B 19 1.13 3.51 -24.72
CA ALA B 19 0.24 2.83 -23.80
C ALA B 19 -1.17 3.37 -24.00
N SER B 20 -2.15 2.50 -23.81
CA SER B 20 -3.55 2.86 -23.98
C SER B 20 -4.35 2.07 -22.98
N ILE B 21 -5.14 2.76 -22.19
CA ILE B 21 -5.88 2.08 -21.18
C ILE B 21 -7.36 2.55 -21.20
N SER B 22 -8.29 1.66 -20.87
CA SER B 22 -9.72 1.89 -21.12
C SER B 22 -10.57 1.94 -19.86
N CYS B 23 -11.62 2.76 -19.91
CA CYS B 23 -12.54 2.91 -18.80
C CYS B 23 -13.95 2.92 -19.37
N ARG B 24 -14.77 1.95 -18.97
CA ARG B 24 -16.13 1.88 -19.45
C ARG B 24 -17.14 2.01 -18.31
N SER B 25 -18.12 2.88 -18.49
CA SER B 25 -19.15 3.07 -17.48
C SER B 25 -20.37 2.20 -17.77
N SER B 26 -21.06 1.78 -16.71
CA SER B 26 -22.18 0.85 -16.84
C SER B 26 -23.42 1.53 -17.40
N GLN B 27 -23.47 2.86 -17.27
CA GLN B 27 -24.51 3.68 -17.89
C GLN B 27 -23.88 4.98 -18.35
N SER B 28 -24.63 5.77 -19.11
CA SER B 28 -24.14 7.06 -19.60
C SER B 28 -23.69 7.97 -18.46
N ILE B 29 -22.57 8.67 -18.66
CA ILE B 29 -22.14 9.66 -17.66
C ILE B 29 -22.11 11.09 -18.23
N VAL B 30 -23.03 11.36 -19.15
CA VAL B 30 -23.29 12.73 -19.55
C VAL B 30 -24.22 13.36 -18.51
N HIS B 31 -23.73 14.42 -17.86
CA HIS B 31 -24.51 15.11 -16.83
C HIS B 31 -25.63 15.90 -17.47
N SER B 32 -26.67 16.19 -16.70
CA SER B 32 -27.84 16.91 -17.20
C SER B 32 -27.46 18.27 -17.77
N ASN B 33 -26.38 18.86 -17.26
CA ASN B 33 -25.95 20.16 -17.76
C ASN B 33 -25.21 20.07 -19.09
N GLY B 34 -25.07 18.85 -19.60
CA GLY B 34 -24.45 18.62 -20.89
C GLY B 34 -23.00 18.18 -20.85
N ASN B 35 -22.33 18.40 -19.72
CA ASN B 35 -20.93 18.01 -19.57
C ASN B 35 -20.76 16.56 -19.20
N THR B 36 -19.61 15.99 -19.55
CA THR B 36 -19.26 14.66 -19.08
C THR B 36 -18.09 14.77 -18.12
N TYR B 37 -18.36 14.55 -16.83
CA TYR B 37 -17.32 14.68 -15.82
C TYR B 37 -16.58 13.36 -15.66
N LEU B 38 -15.62 13.14 -16.54
CA LEU B 38 -14.78 11.95 -16.50
C LEU B 38 -13.34 12.40 -16.33
N GLU B 39 -12.69 11.90 -15.30
CA GLU B 39 -11.33 12.30 -14.96
C GLU B 39 -10.41 11.11 -14.89
N TRP B 40 -9.12 11.34 -15.15
CA TRP B 40 -8.09 10.31 -15.02
C TRP B 40 -7.07 10.80 -14.01
N TYR B 41 -6.64 9.90 -13.12
CA TYR B 41 -5.64 10.17 -12.10
C TYR B 41 -4.49 9.18 -12.20
N LEU B 42 -3.30 9.64 -11.86
CA LEU B 42 -2.16 8.74 -11.68
C LEU B 42 -1.74 8.80 -10.22
N GLN B 43 -1.60 7.64 -9.59
CA GLN B 43 -1.14 7.62 -8.21
C GLN B 43 0.10 6.79 -8.01
N LYS B 44 1.08 7.38 -7.33
CA LYS B 44 2.28 6.64 -6.94
C LYS B 44 2.22 6.29 -5.46
N PRO B 45 2.89 5.21 -5.03
CA PRO B 45 2.89 4.84 -3.61
C PRO B 45 3.21 5.99 -2.66
N GLY B 46 2.36 6.16 -1.64
CA GLY B 46 2.61 7.15 -0.61
C GLY B 46 2.23 8.57 -0.99
N GLN B 47 1.64 8.74 -2.16
CA GLN B 47 1.25 10.07 -2.62
C GLN B 47 -0.25 10.15 -2.89
N SER B 48 -0.73 11.36 -2.95
CA SER B 48 -2.10 11.65 -3.33
C SER B 48 -2.25 11.32 -4.82
N PRO B 49 -3.48 10.98 -5.26
CA PRO B 49 -3.63 10.83 -6.71
C PRO B 49 -3.43 12.18 -7.37
N LYS B 50 -2.82 12.19 -8.54
CA LYS B 50 -2.61 13.44 -9.26
C LYS B 50 -3.52 13.47 -10.49
N LEU B 51 -4.21 14.59 -10.67
CA LEU B 51 -5.13 14.75 -11.80
C LEU B 51 -4.38 14.91 -13.11
N LEU B 52 -4.73 14.08 -14.10
CA LEU B 52 -4.14 14.16 -15.43
C LEU B 52 -5.09 14.81 -16.44
N ILE B 53 -6.31 14.29 -16.48
CA ILE B 53 -7.29 14.66 -17.50
C ILE B 53 -8.61 14.95 -16.81
N TYR B 54 -9.28 16.04 -17.20
CA TYR B 54 -10.63 16.31 -16.70
C TYR B 54 -11.58 16.54 -17.87
N LYS B 55 -12.87 16.37 -17.62
CA LYS B 55 -13.88 16.46 -18.67
C LYS B 55 -13.47 15.72 -19.94
N VAL B 56 -13.17 14.43 -19.78
CA VAL B 56 -12.85 13.51 -20.87
C VAL B 56 -11.50 13.72 -21.58
N SER B 57 -11.24 14.95 -22.04
CA SER B 57 -10.14 15.17 -22.96
C SER B 57 -9.24 16.36 -22.63
N ASN B 58 -9.52 17.04 -21.53
CA ASN B 58 -8.73 18.22 -21.16
C ASN B 58 -7.57 17.92 -20.22
N ARG B 59 -6.36 18.29 -20.64
CA ARG B 59 -5.18 18.08 -19.81
C ARG B 59 -5.12 19.09 -18.67
N PHE B 60 -4.94 18.59 -17.46
CA PHE B 60 -4.79 19.45 -16.30
C PHE B 60 -3.49 20.21 -16.42
N SER B 61 -3.48 21.41 -15.86
CA SER B 61 -2.32 22.28 -15.95
C SER B 61 -1.06 21.60 -15.45
N GLY B 62 0.01 21.64 -16.25
CA GLY B 62 1.27 21.07 -15.83
C GLY B 62 1.50 19.62 -16.24
N VAL B 63 0.43 18.96 -16.70
CA VAL B 63 0.55 17.57 -17.14
C VAL B 63 1.22 17.53 -18.51
N PRO B 64 2.23 16.66 -18.66
CA PRO B 64 2.96 16.53 -19.94
C PRO B 64 2.03 16.22 -21.11
N ASP B 65 2.36 16.76 -22.28
CA ASP B 65 1.45 16.56 -23.41
C ASP B 65 1.49 15.14 -23.98
N ARG B 66 2.35 14.27 -23.45
CA ARG B 66 2.29 12.87 -23.87
C ARG B 66 1.03 12.16 -23.38
N PHE B 67 0.32 12.77 -22.43
CA PHE B 67 -0.94 12.22 -21.96
C PHE B 67 -2.11 12.81 -22.74
N SER B 68 -3.03 11.95 -23.17
CA SER B 68 -4.25 12.42 -23.82
C SER B 68 -5.45 11.55 -23.47
N GLY B 69 -6.60 12.19 -23.32
CA GLY B 69 -7.82 11.47 -23.01
C GLY B 69 -8.84 11.68 -24.10
N SER B 70 -9.67 10.67 -24.31
CA SER B 70 -10.77 10.77 -25.26
C SER B 70 -11.93 9.87 -24.84
N GLY B 71 -13.06 10.02 -25.52
CA GLY B 71 -14.18 9.13 -25.33
C GLY B 71 -15.50 9.84 -25.40
N SER B 72 -16.58 9.06 -25.37
CA SER B 72 -17.92 9.61 -25.42
C SER B 72 -18.88 8.61 -24.82
N GLY B 73 -19.81 9.10 -24.02
CA GLY B 73 -20.88 8.22 -23.57
C GLY B 73 -20.50 7.31 -22.41
N THR B 74 -20.04 6.12 -22.74
CA THR B 74 -19.72 5.11 -21.76
C THR B 74 -18.33 4.56 -22.02
N ASP B 75 -17.66 5.13 -23.02
CA ASP B 75 -16.44 4.54 -23.58
C ASP B 75 -15.29 5.55 -23.53
N PHE B 76 -14.33 5.35 -22.62
CA PHE B 76 -13.25 6.32 -22.44
C PHE B 76 -11.87 5.70 -22.47
N THR B 77 -10.90 6.47 -22.95
CA THR B 77 -9.54 5.97 -23.15
C THR B 77 -8.48 7.00 -22.77
N LEU B 78 -7.46 6.54 -22.05
CA LEU B 78 -6.29 7.36 -21.76
C LEU B 78 -5.11 6.81 -22.56
N LYS B 79 -4.38 7.69 -23.24
CA LYS B 79 -3.20 7.25 -23.99
C LYS B 79 -1.95 7.97 -23.53
N ILE B 80 -0.84 7.24 -23.54
CA ILE B 80 0.46 7.83 -23.26
C ILE B 80 1.37 7.63 -24.48
N ASN B 81 1.85 8.75 -25.01
CA ASN B 81 2.75 8.73 -26.16
C ASN B 81 4.20 8.71 -25.70
N ARG B 82 4.77 7.51 -25.61
CA ARG B 82 6.14 7.28 -25.15
C ARG B 82 6.28 7.34 -23.63
N VAL B 83 6.04 6.20 -22.99
CA VAL B 83 6.09 6.06 -21.54
C VAL B 83 7.46 6.43 -20.97
N GLU B 84 7.43 7.21 -19.89
CA GLU B 84 8.64 7.52 -19.13
C GLU B 84 8.50 6.93 -17.74
N ALA B 85 9.60 6.84 -17.01
CA ALA B 85 9.61 6.12 -15.73
C ALA B 85 8.64 6.71 -14.71
N GLU B 86 8.49 8.04 -14.75
CA GLU B 86 7.56 8.70 -13.83
C GLU B 86 6.10 8.46 -14.18
N ASP B 87 5.84 7.73 -15.26
CA ASP B 87 4.46 7.42 -15.63
C ASP B 87 4.02 6.10 -15.01
N LEU B 88 4.95 5.39 -14.37
CA LEU B 88 4.62 4.11 -13.75
C LEU B 88 3.87 4.34 -12.45
N GLY B 89 2.85 3.53 -12.21
CA GLY B 89 2.00 3.71 -11.05
C GLY B 89 0.60 3.18 -11.36
N ILE B 90 -0.38 3.61 -10.58
CA ILE B 90 -1.74 3.16 -10.79
C ILE B 90 -2.60 4.29 -11.34
N TYR B 91 -3.32 4.00 -12.41
CA TYR B 91 -4.22 4.95 -13.04
C TYR B 91 -5.66 4.66 -12.63
N TYR B 92 -6.38 5.69 -12.22
CA TYR B 92 -7.80 5.54 -11.88
C TYR B 92 -8.64 6.47 -12.73
N CYS B 93 -9.77 5.98 -13.21
CA CYS B 93 -10.77 6.88 -13.77
C CYS B 93 -11.82 7.18 -12.70
N LEU B 94 -12.47 8.34 -12.83
CA LEU B 94 -13.49 8.76 -11.88
C LEU B 94 -14.61 9.41 -12.66
N GLN B 95 -15.86 9.02 -12.40
CA GLN B 95 -16.99 9.75 -12.96
C GLN B 95 -17.59 10.64 -11.90
N GLY B 96 -17.88 11.89 -12.29
CA GLY B 96 -18.45 12.87 -11.38
C GLY B 96 -19.80 13.34 -11.87
N SER B 97 -20.44 12.55 -12.73
CA SER B 97 -21.70 12.97 -13.33
C SER B 97 -22.94 12.53 -12.56
N HIS B 98 -22.84 11.42 -11.85
CA HIS B 98 -23.97 10.90 -11.09
C HIS B 98 -23.54 10.48 -9.70
N VAL B 99 -24.20 11.00 -8.67
CA VAL B 99 -23.88 10.56 -7.31
C VAL B 99 -24.53 9.20 -7.02
N PRO B 100 -23.84 8.35 -6.26
CA PRO B 100 -22.50 8.58 -5.68
C PRO B 100 -21.42 8.57 -6.75
N LEU B 101 -20.41 9.43 -6.59
CA LEU B 101 -19.30 9.44 -7.53
C LEU B 101 -18.55 8.13 -7.39
N THR B 102 -18.03 7.60 -8.49
CA THR B 102 -17.42 6.28 -8.49
C THR B 102 -16.14 6.22 -9.29
N PHE B 103 -15.18 5.43 -8.78
CA PHE B 103 -13.87 5.25 -9.38
C PHE B 103 -13.77 3.89 -10.04
N GLY B 104 -12.94 3.78 -11.07
CA GLY B 104 -12.54 2.48 -11.58
C GLY B 104 -11.62 1.81 -10.58
N ALA B 105 -11.36 0.52 -10.76
CA ALA B 105 -10.56 -0.25 -9.80
C ALA B 105 -9.06 -0.05 -9.98
N GLY B 106 -8.66 0.69 -11.01
CA GLY B 106 -7.26 0.97 -11.26
C GLY B 106 -6.61 0.11 -12.32
N THR B 107 -5.68 0.72 -13.06
CA THR B 107 -4.83 0.00 -13.99
C THR B 107 -3.39 0.27 -13.59
N THR B 108 -2.62 -0.77 -13.33
CA THR B 108 -1.22 -0.58 -12.96
C THR B 108 -0.34 -0.61 -14.21
N LEU B 109 0.44 0.45 -14.39
CA LEU B 109 1.50 0.45 -15.39
C LEU B 109 2.79 0.09 -14.68
N GLU B 110 3.43 -0.99 -15.10
CA GLU B 110 4.65 -1.46 -14.45
C GLU B 110 5.69 -1.70 -15.54
N LEU B 111 6.96 -1.77 -15.15
CA LEU B 111 8.02 -1.95 -16.13
C LEU B 111 8.18 -3.42 -16.52
N LYS B 112 8.23 -3.68 -17.82
CA LYS B 112 8.41 -5.01 -18.34
C LYS B 112 9.84 -5.46 -18.14
N ARG B 113 10.02 -6.73 -17.82
CA ARG B 113 11.33 -7.35 -17.79
C ARG B 113 11.16 -8.85 -18.03
N ALA B 114 12.27 -9.56 -18.13
CA ALA B 114 12.23 -11.00 -18.34
C ALA B 114 11.59 -11.70 -17.15
N ASP B 115 10.79 -12.72 -17.43
CA ASP B 115 10.21 -13.53 -16.36
C ASP B 115 11.33 -14.12 -15.52
N ALA B 116 11.12 -14.18 -14.21
CA ALA B 116 12.12 -14.69 -13.29
C ALA B 116 11.46 -15.48 -12.17
N ALA B 117 11.98 -16.67 -11.89
CA ALA B 117 11.48 -17.49 -10.81
C ALA B 117 11.97 -16.90 -9.50
N PRO B 118 11.18 -17.05 -8.43
CA PRO B 118 11.60 -16.53 -7.13
C PRO B 118 12.78 -17.32 -6.55
N THR B 119 13.63 -16.60 -5.81
CA THR B 119 14.63 -17.25 -4.97
C THR B 119 13.99 -17.41 -3.61
N VAL B 120 13.83 -18.65 -3.18
CA VAL B 120 13.09 -18.95 -1.96
C VAL B 120 14.01 -19.36 -0.83
N SER B 121 13.82 -18.74 0.33
CA SER B 121 14.64 -19.06 1.50
C SER B 121 13.75 -19.19 2.73
N ILE B 122 13.98 -20.25 3.52
CA ILE B 122 13.18 -20.48 4.72
C ILE B 122 14.04 -20.40 5.98
N PHE B 123 13.45 -19.86 7.06
CA PHE B 123 14.17 -19.65 8.31
C PHE B 123 13.36 -20.11 9.51
N PRO B 124 13.95 -21.02 10.31
CA PRO B 124 13.31 -21.46 11.55
C PRO B 124 13.39 -20.34 12.59
N PRO B 125 12.58 -20.42 13.66
CA PRO B 125 12.63 -19.41 14.72
C PRO B 125 14.03 -19.24 15.29
N SER B 126 14.41 -18.00 15.58
CA SER B 126 15.66 -17.71 16.27
C SER B 126 15.55 -18.27 17.68
N SER B 127 16.69 -18.61 18.28
CA SER B 127 16.68 -19.10 19.65
C SER B 127 16.23 -17.97 20.58
N GLU B 128 16.50 -16.74 20.19
CA GLU B 128 16.08 -15.59 20.98
C GLU B 128 14.58 -15.50 21.07
N GLN B 129 13.89 -15.74 19.95
CA GLN B 129 12.44 -15.67 19.96
C GLN B 129 11.86 -16.81 20.78
N LEU B 130 12.47 -17.98 20.64
CA LEU B 130 12.04 -19.16 21.39
C LEU B 130 12.17 -18.95 22.90
N THR B 131 13.32 -18.43 23.33
CA THR B 131 13.58 -18.15 24.74
C THR B 131 12.48 -17.21 25.26
N SER B 132 11.96 -16.39 24.36
CA SER B 132 10.92 -15.43 24.72
C SER B 132 9.55 -16.07 24.63
N GLY B 133 9.51 -17.34 24.19
CA GLY B 133 8.26 -18.07 24.17
C GLY B 133 7.50 -18.00 22.86
N GLY B 134 8.05 -17.33 21.86
CA GLY B 134 7.41 -17.23 20.57
C GLY B 134 8.07 -18.06 19.49
N ALA B 135 7.39 -18.22 18.36
CA ALA B 135 7.95 -18.96 17.23
C ALA B 135 7.41 -18.49 15.88
N SER B 136 8.25 -17.83 15.11
CA SER B 136 7.89 -17.40 13.77
C SER B 136 8.79 -18.09 12.76
N VAL B 137 8.19 -18.67 11.73
CA VAL B 137 8.94 -19.25 10.62
C VAL B 137 8.80 -18.31 9.43
N VAL B 138 9.92 -17.90 8.86
CA VAL B 138 9.90 -16.88 7.82
C VAL B 138 10.35 -17.44 6.47
N CYS B 139 9.60 -17.11 5.42
N CYS B 139 9.60 -17.10 5.43
CA CYS B 139 9.95 -17.52 4.08
CA CYS B 139 9.95 -17.51 4.09
C CYS B 139 10.04 -16.28 3.19
C CYS B 139 10.04 -16.28 3.19
N PHE B 140 11.18 -16.11 2.53
CA PHE B 140 11.36 -15.02 1.59
C PHE B 140 11.24 -15.57 0.18
N LEU B 141 10.43 -14.91 -0.64
CA LEU B 141 10.30 -15.26 -2.05
C LEU B 141 10.76 -14.05 -2.83
N ASN B 142 12.02 -14.07 -3.27
CA ASN B 142 12.66 -12.85 -3.73
C ASN B 142 12.97 -12.74 -5.22
N ASN B 143 12.84 -11.51 -5.73
CA ASN B 143 13.27 -11.12 -7.07
C ASN B 143 12.63 -11.97 -8.17
N PHE B 144 11.31 -12.04 -8.15
CA PHE B 144 10.58 -12.75 -9.19
C PHE B 144 9.84 -11.78 -10.11
N TYR B 145 9.40 -12.30 -11.25
CA TYR B 145 8.59 -11.52 -12.18
C TYR B 145 7.86 -12.49 -13.08
N PRO B 146 6.56 -12.23 -13.36
CA PRO B 146 5.75 -11.09 -12.93
C PRO B 146 5.28 -11.19 -11.48
N LYS B 147 4.48 -10.22 -11.05
CA LYS B 147 4.21 -10.03 -9.63
C LYS B 147 3.30 -11.07 -8.98
N ASP B 148 2.46 -11.73 -9.77
CA ASP B 148 1.54 -12.71 -9.18
C ASP B 148 2.27 -13.96 -8.69
N ILE B 149 1.97 -14.35 -7.46
CA ILE B 149 2.64 -15.48 -6.85
C ILE B 149 1.79 -16.01 -5.71
N ASN B 150 1.98 -17.28 -5.38
CA ASN B 150 1.25 -17.87 -4.27
C ASN B 150 2.16 -18.68 -3.37
N VAL B 151 1.93 -18.58 -2.07
CA VAL B 151 2.72 -19.33 -1.11
C VAL B 151 1.82 -20.27 -0.34
N LYS B 152 2.35 -21.45 -0.03
CA LYS B 152 1.60 -22.45 0.72
C LYS B 152 2.49 -23.01 1.82
N TRP B 153 1.97 -23.08 3.04
CA TRP B 153 2.74 -23.60 4.17
C TRP B 153 2.33 -25.04 4.49
N LYS B 154 3.32 -25.85 4.84
CA LYS B 154 3.07 -27.23 5.24
C LYS B 154 3.81 -27.57 6.52
N ILE B 155 3.08 -28.17 7.46
CA ILE B 155 3.67 -28.64 8.69
C ILE B 155 3.52 -30.14 8.80
N ASP B 156 4.64 -30.85 8.69
CA ASP B 156 4.66 -32.30 8.70
C ASP B 156 3.76 -32.88 7.61
N GLY B 157 3.79 -32.26 6.43
CA GLY B 157 3.04 -32.75 5.28
C GLY B 157 1.65 -32.15 5.13
N SER B 158 1.18 -31.47 6.17
CA SER B 158 -0.18 -30.93 6.15
C SER B 158 -0.23 -29.41 5.96
N GLU B 159 -1.13 -28.97 5.08
CA GLU B 159 -1.28 -27.55 4.78
C GLU B 159 -1.73 -26.75 6.00
N ARG B 160 -1.10 -25.59 6.19
CA ARG B 160 -1.45 -24.70 7.29
C ARG B 160 -1.92 -23.36 6.75
N GLN B 161 -3.01 -22.86 7.32
CA GLN B 161 -3.60 -21.62 6.85
C GLN B 161 -3.60 -20.52 7.90
N ASN B 162 -3.92 -20.89 9.12
CA ASN B 162 -4.00 -19.92 10.21
C ASN B 162 -2.62 -19.46 10.66
N GLY B 163 -2.51 -18.19 11.00
CA GLY B 163 -1.28 -17.64 11.52
C GLY B 163 -0.27 -17.25 10.47
N VAL B 164 -0.69 -17.22 9.21
CA VAL B 164 0.18 -16.82 8.11
C VAL B 164 -0.05 -15.36 7.74
N LEU B 165 1.02 -14.58 7.70
CA LEU B 165 0.91 -13.20 7.24
C LEU B 165 1.90 -12.89 6.12
N ASN B 166 1.41 -12.22 5.10
CA ASN B 166 2.19 -11.95 3.90
C ASN B 166 2.40 -10.47 3.67
N SER B 167 3.51 -10.14 3.02
CA SER B 167 3.81 -8.76 2.68
C SER B 167 4.58 -8.73 1.37
N TRP B 168 4.29 -7.73 0.54
CA TRP B 168 4.84 -7.64 -0.81
C TRP B 168 5.55 -6.31 -1.04
N THR B 169 6.69 -6.35 -1.73
CA THR B 169 7.40 -5.12 -2.08
C THR B 169 6.82 -4.51 -3.35
N ASP B 170 7.09 -3.22 -3.56
CA ASP B 170 6.80 -2.58 -4.83
C ASP B 170 7.88 -3.00 -5.82
N GLN B 171 7.63 -2.77 -7.11
CA GLN B 171 8.60 -3.14 -8.14
C GLN B 171 9.97 -2.51 -7.89
N ASP B 172 11.00 -3.34 -7.97
CA ASP B 172 12.37 -2.93 -7.64
C ASP B 172 12.91 -1.88 -8.61
N SER B 173 13.45 -0.81 -8.06
CA SER B 173 13.97 0.30 -8.85
C SER B 173 15.16 -0.09 -9.72
N LYS B 174 15.92 -1.10 -9.31
CA LYS B 174 17.14 -1.49 -10.01
C LYS B 174 16.96 -2.65 -10.99
N ASP B 175 16.21 -3.68 -10.60
CA ASP B 175 16.06 -4.86 -11.47
C ASP B 175 14.62 -5.17 -11.90
N SER B 176 13.69 -4.30 -11.53
CA SER B 176 12.28 -4.41 -11.94
C SER B 176 11.55 -5.68 -11.49
N THR B 177 12.10 -6.37 -10.49
CA THR B 177 11.45 -7.55 -9.94
C THR B 177 10.56 -7.21 -8.74
N TYR B 178 9.84 -8.23 -8.26
CA TYR B 178 9.00 -8.15 -7.07
C TYR B 178 9.49 -9.15 -6.04
N SER B 179 9.19 -8.90 -4.76
CA SER B 179 9.54 -9.83 -3.70
C SER B 179 8.38 -9.95 -2.73
N MET B 180 8.36 -11.04 -1.97
CA MET B 180 7.31 -11.30 -1.02
C MET B 180 7.88 -11.98 0.21
N SER B 181 7.34 -11.64 1.38
N SER B 181 7.33 -11.64 1.37
CA SER B 181 7.72 -12.32 2.61
CA SER B 181 7.72 -12.32 2.61
C SER B 181 6.49 -12.98 3.21
C SER B 181 6.49 -12.99 3.19
N SER B 182 6.65 -14.21 3.68
CA SER B 182 5.56 -14.93 4.32
C SER B 182 6.01 -15.43 5.68
N THR B 183 5.24 -15.12 6.71
CA THR B 183 5.60 -15.49 8.06
C THR B 183 4.51 -16.31 8.72
N LEU B 184 4.89 -17.49 9.18
CA LEU B 184 3.99 -18.37 9.90
C LEU B 184 4.29 -18.24 11.39
N THR B 185 3.33 -17.75 12.16
CA THR B 185 3.54 -17.57 13.58
C THR B 185 2.81 -18.61 14.42
N LEU B 186 3.54 -19.17 15.37
CA LEU B 186 3.02 -20.21 16.24
C LEU B 186 3.40 -19.91 17.67
N THR B 187 2.77 -20.61 18.60
CA THR B 187 3.24 -20.61 19.97
C THR B 187 4.48 -21.48 20.00
N LYS B 188 5.35 -21.26 20.98
CA LYS B 188 6.51 -22.10 21.12
C LYS B 188 6.12 -23.57 21.33
N ASP B 189 5.07 -23.81 22.13
CA ASP B 189 4.62 -25.17 22.42
C ASP B 189 4.31 -25.96 21.15
N GLU B 190 3.49 -25.38 20.28
CA GLU B 190 3.08 -26.08 19.07
C GLU B 190 4.25 -26.30 18.12
N TYR B 191 5.13 -25.30 18.04
CA TYR B 191 6.29 -25.40 17.15
C TYR B 191 7.19 -26.58 17.50
N GLU B 192 7.36 -26.86 18.78
CA GLU B 192 8.26 -27.93 19.21
C GLU B 192 7.63 -29.31 19.08
N ARG B 193 6.33 -29.35 18.80
CA ARG B 193 5.65 -30.63 18.70
C ARG B 193 5.60 -31.15 17.26
N HIS B 194 6.18 -30.39 16.35
CA HIS B 194 6.28 -30.82 14.95
C HIS B 194 7.71 -30.84 14.46
N ASN B 195 7.92 -31.34 13.25
CA ASN B 195 9.28 -31.62 12.80
C ASN B 195 9.67 -30.84 11.56
N SER B 196 8.94 -31.10 10.48
CA SER B 196 9.27 -30.50 9.19
C SER B 196 8.40 -29.29 8.95
N TYR B 197 9.04 -28.21 8.49
CA TYR B 197 8.28 -27.03 8.10
C TYR B 197 8.62 -26.72 6.66
N THR B 198 7.60 -26.38 5.89
CA THR B 198 7.74 -26.26 4.46
C THR B 198 7.01 -25.04 3.88
N CYS B 199 7.72 -24.29 3.05
N CYS B 199 7.70 -24.23 3.10
CA CYS B 199 7.18 -23.15 2.32
CA CYS B 199 7.01 -23.19 2.35
C CYS B 199 7.17 -23.48 0.82
C CYS B 199 7.15 -23.46 0.85
N GLU B 200 6.02 -23.40 0.17
CA GLU B 200 5.95 -23.74 -1.26
C GLU B 200 5.53 -22.55 -2.11
N ALA B 201 6.36 -22.24 -3.11
CA ALA B 201 6.13 -21.10 -3.97
C ALA B 201 5.63 -21.51 -5.35
N THR B 202 4.42 -21.09 -5.69
CA THR B 202 3.87 -21.33 -7.01
C THR B 202 3.88 -20.06 -7.86
N HIS B 203 4.61 -20.11 -8.97
CA HIS B 203 4.78 -18.95 -9.84
C HIS B 203 4.68 -19.43 -11.29
N LYS B 204 4.30 -18.53 -12.21
CA LYS B 204 4.06 -18.92 -13.61
C LYS B 204 5.30 -19.51 -14.29
N THR B 205 6.48 -19.23 -13.75
CA THR B 205 7.71 -19.69 -14.39
C THR B 205 7.90 -21.19 -14.30
N SER B 206 7.07 -21.85 -13.50
CA SER B 206 7.16 -23.30 -13.40
C SER B 206 5.82 -23.94 -13.11
N THR B 207 5.71 -25.23 -13.42
CA THR B 207 4.48 -25.96 -13.24
C THR B 207 4.43 -26.46 -11.82
N SER B 208 5.61 -26.78 -11.30
CA SER B 208 5.70 -27.29 -9.95
C SER B 208 6.23 -26.21 -9.04
N PRO B 209 5.83 -26.26 -7.78
CA PRO B 209 6.30 -25.29 -6.79
C PRO B 209 7.80 -25.39 -6.52
N ILE B 210 8.38 -24.26 -6.12
CA ILE B 210 9.69 -24.28 -5.49
C ILE B 210 9.45 -24.56 -4.03
N VAL B 211 10.12 -25.58 -3.50
CA VAL B 211 9.84 -26.06 -2.16
C VAL B 211 11.06 -25.90 -1.25
N LYS B 212 10.88 -25.23 -0.12
CA LYS B 212 11.93 -25.11 0.87
C LYS B 212 11.49 -25.64 2.22
N SER B 213 12.38 -26.36 2.88
CA SER B 213 12.05 -27.00 4.15
C SER B 213 13.20 -27.09 5.13
N PHE B 214 12.87 -27.35 6.38
CA PHE B 214 13.85 -27.70 7.38
C PHE B 214 13.19 -28.62 8.39
N ASN B 215 14.01 -29.27 9.21
CA ASN B 215 13.52 -30.11 10.28
C ASN B 215 14.05 -29.59 11.59
N ARG B 216 13.28 -29.75 12.66
CA ARG B 216 13.84 -29.58 13.98
C ARG B 216 14.59 -30.84 14.34
#